data_7Q67
#
_entry.id   7Q67
#
_cell.length_a   1.00
_cell.length_b   1.00
_cell.length_c   1.00
_cell.angle_alpha   90.00
_cell.angle_beta   90.00
_cell.angle_gamma   90.00
#
_symmetry.space_group_name_H-M   'P 1'
#
_entity_poly.entity_id   1
_entity_poly.type   'polypeptide(L)'
_entity_poly.pdbx_seq_one_letter_code
;TGTANTLFGTASTGTSLFSSQNNAFAQNKPTGFGNFGTST
;
_entity_poly.pdbx_strand_id   A,B,C,D,E,F,G,H,I,J,K
#
# COMPACT_ATOMS: atom_id res chain seq x y z
N THR A 6 -26.60 24.98 3.11
CA THR A 6 -26.57 24.29 4.39
C THR A 6 -26.59 22.77 4.22
N LEU A 7 -25.62 22.25 3.47
CA LEU A 7 -25.72 20.91 2.90
C LEU A 7 -24.32 20.34 2.68
N PHE A 8 -24.23 19.06 2.33
CA PHE A 8 -22.91 18.52 1.98
C PHE A 8 -22.52 18.95 0.59
N GLY A 9 -23.30 18.56 -0.38
CA GLY A 9 -22.88 18.57 -1.75
C GLY A 9 -22.81 17.18 -2.32
N THR A 10 -22.24 17.12 -3.51
CA THR A 10 -22.26 15.93 -4.32
C THR A 10 -20.87 15.29 -4.33
N ALA A 11 -20.75 14.14 -3.69
CA ALA A 11 -19.48 13.45 -3.60
C ALA A 11 -19.58 12.13 -4.33
N SER A 12 -18.73 11.96 -5.33
CA SER A 12 -18.78 10.83 -6.24
C SER A 12 -17.49 10.05 -6.16
N THR A 13 -17.51 8.82 -6.67
CA THR A 13 -16.30 8.07 -6.94
C THR A 13 -16.41 7.46 -8.31
N GLY A 14 -15.26 7.07 -8.86
CA GLY A 14 -15.22 6.38 -10.12
C GLY A 14 -14.25 5.22 -10.08
N THR A 15 -14.52 4.24 -10.97
CA THR A 15 -13.70 3.06 -11.35
C THR A 15 -12.81 2.54 -10.25
N SER A 16 -13.44 2.18 -9.16
CA SER A 16 -12.74 1.80 -7.95
C SER A 16 -13.08 0.38 -7.55
N LEU A 17 -12.10 -0.49 -7.50
CA LEU A 17 -12.32 -1.87 -7.11
C LEU A 17 -12.49 -1.91 -5.60
N PHE A 18 -13.49 -2.65 -5.14
CA PHE A 18 -13.65 -3.08 -3.73
C PHE A 18 -13.82 -1.90 -2.79
N SER A 19 -14.86 -1.10 -3.03
CA SER A 19 -14.91 0.26 -2.56
C SER A 19 -16.15 0.55 -1.75
N SER A 20 -16.01 1.19 -0.61
CA SER A 20 -17.18 1.49 0.20
C SER A 20 -17.20 2.96 0.58
N GLN A 21 -18.25 3.67 0.21
CA GLN A 21 -18.38 5.02 0.71
C GLN A 21 -19.52 5.09 1.69
N ASN A 22 -19.45 5.93 2.68
CA ASN A 22 -20.63 6.02 3.52
C ASN A 22 -21.04 7.47 3.76
N ASN A 23 -22.24 7.79 3.36
CA ASN A 23 -22.66 9.16 3.18
C ASN A 23 -23.75 9.48 4.19
N ALA A 24 -23.57 10.56 4.95
CA ALA A 24 -24.68 10.98 5.78
C ALA A 24 -24.66 12.46 6.07
N PHE A 25 -25.77 12.97 6.57
CA PHE A 25 -25.78 14.31 7.07
C PHE A 25 -25.12 14.35 8.44
N ALA A 26 -25.38 13.34 9.25
CA ALA A 26 -24.83 13.23 10.60
C ALA A 26 -24.31 11.81 10.82
N GLN A 27 -23.02 11.59 10.53
CA GLN A 27 -22.42 10.31 10.90
C GLN A 27 -21.81 10.33 12.29
N ASN A 28 -21.99 9.22 12.98
CA ASN A 28 -21.27 8.86 14.20
C ASN A 28 -20.48 7.61 13.91
N LYS A 29 -19.18 7.67 14.09
CA LYS A 29 -18.27 6.55 13.92
C LYS A 29 -18.42 5.76 12.62
N PRO A 30 -18.36 6.37 11.44
CA PRO A 30 -18.30 5.55 10.22
C PRO A 30 -16.99 4.84 10.11
N THR A 31 -16.97 3.80 9.31
CA THR A 31 -15.82 2.95 9.30
C THR A 31 -15.54 2.50 7.89
N GLY A 32 -14.28 2.20 7.66
CA GLY A 32 -13.76 1.50 6.52
C GLY A 32 -13.52 0.11 7.05
N PHE A 33 -13.10 -0.78 6.20
CA PHE A 33 -13.55 -2.18 6.10
C PHE A 33 -13.65 -2.98 7.40
N GLY A 34 -12.56 -3.23 8.12
CA GLY A 34 -12.63 -4.18 9.20
C GLY A 34 -12.66 -5.63 8.74
N ASN A 35 -11.76 -6.44 9.32
CA ASN A 35 -11.79 -7.92 9.26
C ASN A 35 -11.86 -8.53 7.85
N PHE A 36 -10.71 -8.63 7.17
CA PHE A 36 -10.52 -9.48 6.00
C PHE A 36 -9.38 -10.45 6.27
N GLY A 37 -9.49 -11.65 5.74
CA GLY A 37 -8.53 -12.68 6.06
C GLY A 37 -9.03 -13.59 7.15
N THR A 38 -8.12 -14.05 7.98
CA THR A 38 -8.57 -14.70 9.19
C THR A 38 -8.31 -13.87 10.43
N THR B 6 12.84 -35.85 -7.75
CA THR B 6 12.92 -35.13 -9.02
C THR B 6 11.66 -34.32 -9.29
N LEU B 7 11.32 -33.43 -8.36
CA LEU B 7 9.98 -32.86 -8.27
C LEU B 7 10.04 -31.48 -7.63
N PHE B 8 8.92 -30.75 -7.62
CA PHE B 8 8.90 -29.48 -6.89
C PHE B 8 8.76 -29.73 -5.42
N GLY B 9 7.67 -30.34 -5.03
CA GLY B 9 7.23 -30.33 -3.68
C GLY B 9 5.92 -29.60 -3.53
N THR B 10 5.57 -29.40 -2.29
CA THR B 10 4.26 -28.90 -1.92
C THR B 10 4.35 -27.44 -1.47
N ALA B 11 3.82 -26.55 -2.28
CA ALA B 11 3.86 -25.13 -1.98
C ALA B 11 2.46 -24.62 -1.74
N SER B 12 2.23 -24.07 -0.57
CA SER B 12 0.91 -23.67 -0.11
C SER B 12 0.90 -22.19 0.18
N THR B 13 -0.29 -21.62 0.27
CA THR B 13 -0.49 -20.29 0.83
C THR B 13 -1.65 -20.34 1.80
N GLY B 14 -1.70 -19.34 2.67
CA GLY B 14 -2.81 -19.19 3.59
C GLY B 14 -3.26 -17.75 3.66
N THR B 15 -4.56 -17.61 4.05
CA THR B 15 -5.29 -16.37 4.41
C THR B 15 -4.80 -15.11 3.72
N SER B 16 -4.84 -15.16 2.40
CA SER B 16 -4.27 -14.12 1.58
C SER B 16 -5.34 -13.49 0.71
N LEU B 17 -5.56 -12.20 0.86
CA LEU B 17 -6.54 -11.50 0.06
C LEU B 17 -5.94 -11.27 -1.32
N PHE B 18 -6.73 -11.53 -2.36
CA PHE B 18 -6.47 -11.10 -3.74
C PHE B 18 -5.20 -11.69 -4.31
N SER B 19 -5.14 -13.02 -4.35
CA SER B 19 -3.89 -13.74 -4.41
C SER B 19 -3.82 -14.70 -5.56
N SER B 20 -2.74 -14.70 -6.31
CA SER B 20 -2.63 -15.60 -7.43
C SER B 20 -1.33 -16.37 -7.38
N GLN B 21 -1.40 -17.69 -7.33
CA GLN B 21 -0.17 -18.47 -7.45
C GLN B 21 -0.16 -19.17 -8.78
N ASN B 22 0.98 -19.39 -9.37
CA ASN B 22 0.94 -20.18 -10.58
C ASN B 22 1.99 -21.27 -10.57
N ASN B 23 1.53 -22.49 -10.68
CA ASN B 23 2.33 -23.65 -10.35
C ASN B 23 2.58 -24.46 -11.60
N ALA B 24 3.84 -24.77 -11.88
CA ALA B 24 4.08 -25.69 -12.97
C ALA B 24 5.37 -26.46 -12.80
N PHE B 25 5.52 -27.52 -13.58
CA PHE B 25 6.79 -28.19 -13.66
C PHE B 25 7.74 -27.38 -14.52
N ALA B 26 7.22 -26.82 -15.61
CA ALA B 26 8.00 -26.02 -16.55
C ALA B 26 7.23 -24.74 -16.90
N GLN B 27 7.47 -23.66 -16.14
CA GLN B 27 6.92 -22.37 -16.52
C GLN B 27 7.84 -21.61 -17.45
N ASN B 28 7.22 -20.94 -18.42
CA ASN B 28 7.83 -19.91 -19.24
C ASN B 28 7.06 -18.63 -18.98
N LYS B 29 7.75 -17.60 -18.54
CA LYS B 29 7.20 -16.28 -18.29
C LYS B 29 5.92 -16.23 -17.47
N PRO B 30 5.86 -16.80 -16.27
CA PRO B 30 4.69 -16.56 -15.42
C PRO B 30 4.65 -15.14 -14.93
N THR B 31 3.48 -14.72 -14.52
CA THR B 31 3.32 -13.32 -14.24
C THR B 31 2.43 -13.16 -13.03
N GLY B 32 2.63 -12.05 -12.36
CA GLY B 32 1.78 -11.50 -11.34
C GLY B 32 1.06 -10.39 -12.06
N PHE B 33 0.15 -9.74 -11.38
CA PHE B 33 -1.16 -9.32 -11.88
C PHE B 33 -1.22 -8.65 -13.25
N GLY B 34 -0.62 -7.48 -13.45
CA GLY B 34 -0.87 -6.74 -14.67
C GLY B 34 -2.22 -6.05 -14.67
N ASN B 35 -2.20 -4.73 -14.99
CA ASN B 35 -3.38 -3.92 -15.34
C ASN B 35 -4.53 -3.95 -14.35
N PHE B 36 -4.43 -3.15 -13.28
CA PHE B 36 -5.56 -2.76 -12.42
C PHE B 36 -5.69 -1.26 -12.41
N GLY B 37 -6.91 -0.76 -12.33
CA GLY B 37 -7.15 0.66 -12.46
C GLY B 37 -7.56 1.02 -13.86
N THR B 38 -7.14 2.19 -14.29
CA THR B 38 -7.27 2.48 -15.70
C THR B 38 -5.95 2.49 -16.43
N THR C 6 -22.30 27.66 2.54
CA THR C 6 -22.31 27.03 3.86
C THR C 6 -22.35 25.50 3.75
N LEU C 7 -21.37 24.94 3.05
CA LEU C 7 -21.47 23.57 2.54
C LEU C 7 -20.08 22.97 2.38
N PHE C 8 -19.99 21.67 2.08
CA PHE C 8 -18.68 21.10 1.79
C PHE C 8 -18.24 21.46 0.39
N GLY C 9 -19.02 21.04 -0.58
CA GLY C 9 -18.56 20.99 -1.94
C GLY C 9 -18.49 19.57 -2.44
N THR C 10 -17.90 19.45 -3.61
CA THR C 10 -17.91 18.22 -4.36
C THR C 10 -16.54 17.56 -4.32
N ALA C 11 -16.44 16.44 -3.61
CA ALA C 11 -15.19 15.74 -3.47
C ALA C 11 -15.30 14.39 -4.15
N SER C 12 -14.42 14.17 -5.11
CA SER C 12 -14.47 13.00 -5.98
C SER C 12 -13.19 12.20 -5.84
N THR C 13 -13.22 10.96 -6.29
CA THR C 13 -12.02 10.17 -6.49
C THR C 13 -12.10 9.51 -7.84
N GLY C 14 -10.94 9.08 -8.34
CA GLY C 14 -10.88 8.34 -9.58
C GLY C 14 -9.93 7.16 -9.45
N THR C 15 -10.19 6.15 -10.31
CA THR C 15 -9.38 4.95 -10.61
C THR C 15 -8.52 4.46 -9.47
N SER C 16 -9.19 4.16 -8.38
CA SER C 16 -8.52 3.82 -7.14
C SER C 16 -8.90 2.43 -6.69
N LEU C 17 -7.92 1.55 -6.57
CA LEU C 17 -8.17 0.19 -6.12
C LEU C 17 -8.38 0.22 -4.62
N PHE C 18 -9.40 -0.49 -4.15
CA PHE C 18 -9.60 -0.85 -2.73
C PHE C 18 -9.78 0.37 -1.85
N SER C 19 -10.79 1.16 -2.14
CA SER C 19 -10.84 2.56 -1.74
C SER C 19 -12.10 2.90 -0.97
N SER C 20 -11.97 3.58 0.15
CA SER C 20 -13.15 3.94 0.90
C SER C 20 -13.16 5.42 1.22
N GLN C 21 -14.19 6.12 0.80
CA GLN C 21 -14.32 7.51 1.22
C GLN C 21 -15.48 7.63 2.18
N ASN C 22 -15.43 8.51 3.14
CA ASN C 22 -16.62 8.66 3.94
C ASN C 22 -17.01 10.12 4.11
N ASN C 23 -18.20 10.43 3.66
CA ASN C 23 -18.60 11.80 3.42
C ASN C 23 -19.70 12.18 4.39
N ALA C 24 -19.53 13.29 5.09
CA ALA C 24 -20.65 13.76 5.88
C ALA C 24 -20.61 15.25 6.10
N PHE C 25 -21.73 15.80 6.55
CA PHE C 25 -21.73 17.17 7.00
C PHE C 25 -21.10 17.26 8.37
N ALA C 26 -21.40 16.29 9.22
CA ALA C 26 -20.89 16.23 10.58
C ALA C 26 -20.38 14.81 10.89
N GLN C 27 -19.09 14.56 10.64
CA GLN C 27 -18.52 13.29 11.07
C GLN C 27 -17.95 13.37 12.48
N ASN C 28 -18.16 12.29 13.22
CA ASN C 28 -17.47 11.97 14.46
C ASN C 28 -16.70 10.70 14.25
N LYS C 29 -15.40 10.76 14.46
CA LYS C 29 -14.50 9.62 14.36
C LYS C 29 -14.63 8.77 13.10
N PRO C 30 -14.53 9.31 11.89
CA PRO C 30 -14.45 8.46 10.72
C PRO C 30 -13.15 7.71 10.67
N THR C 31 -13.13 6.64 9.90
CA THR C 31 -11.99 5.78 9.97
C THR C 31 -11.68 5.26 8.58
N GLY C 32 -10.43 4.93 8.40
CA GLY C 32 -9.89 4.18 7.30
C GLY C 32 -9.68 2.81 7.90
N PHE C 33 -9.25 1.87 7.09
CA PHE C 33 -9.73 0.48 7.05
C PHE C 33 -9.86 -0.26 8.39
N GLY C 34 -8.80 -0.49 9.13
CA GLY C 34 -8.90 -1.39 10.26
C GLY C 34 -8.95 -2.85 9.85
N ASN C 35 -8.07 -3.65 10.50
CA ASN C 35 -8.12 -5.14 10.50
C ASN C 35 -8.17 -5.81 9.11
N PHE C 36 -7.01 -5.95 8.48
CA PHE C 36 -6.79 -6.85 7.34
C PHE C 36 -5.67 -7.82 7.68
N GLY C 37 -5.80 -9.05 7.21
CA GLY C 37 -4.85 -10.07 7.59
C GLY C 37 -5.39 -10.92 8.71
N THR C 38 -4.51 -11.36 9.59
CA THR C 38 -5.00 -11.96 10.81
C THR C 38 -4.77 -11.07 12.02
N THR D 6 16.51 -34.11 -4.65
CA THR D 6 16.63 -33.47 -5.95
C THR D 6 15.37 -32.65 -6.28
N LEU D 7 15.03 -31.71 -5.41
CA LEU D 7 13.70 -31.12 -5.38
C LEU D 7 13.76 -29.71 -4.79
N PHE D 8 12.64 -28.97 -4.86
CA PHE D 8 12.64 -27.67 -4.17
C PHE D 8 12.46 -27.85 -2.69
N GLY D 9 11.34 -28.43 -2.31
CA GLY D 9 10.87 -28.35 -0.96
C GLY D 9 9.57 -27.60 -0.89
N THR D 10 9.19 -27.33 0.34
CA THR D 10 7.88 -26.81 0.66
C THR D 10 7.98 -25.33 1.04
N ALA D 11 7.47 -24.47 0.18
CA ALA D 11 7.54 -23.04 0.42
C ALA D 11 6.14 -22.49 0.60
N SER D 12 5.89 -21.89 1.75
CA SER D 12 4.57 -21.46 2.15
C SER D 12 4.56 -19.96 2.38
N THR D 13 3.38 -19.38 2.41
CA THR D 13 3.20 -18.03 2.91
C THR D 13 2.02 -18.02 3.85
N GLY D 14 1.96 -16.97 4.67
CA GLY D 14 0.83 -16.77 5.56
C GLY D 14 0.39 -15.32 5.56
N THR D 15 -0.91 -15.14 5.89
CA THR D 15 -1.63 -13.88 6.19
C THR D 15 -1.11 -12.66 5.46
N SER D 16 -1.12 -12.77 4.15
CA SER D 16 -0.52 -11.77 3.30
C SER D 16 -1.55 -11.17 2.36
N LEU D 17 -1.75 -9.87 2.45
CA LEU D 17 -2.70 -9.19 1.59
C LEU D 17 -2.07 -9.03 0.23
N PHE D 18 -2.85 -9.33 -0.82
CA PHE D 18 -2.55 -8.96 -2.21
C PHE D 18 -1.26 -9.60 -2.72
N SER D 19 -1.22 -10.92 -2.71
CA SER D 19 0.02 -11.66 -2.70
C SER D 19 0.10 -12.68 -3.81
N SER D 20 1.20 -12.71 -4.53
CA SER D 20 1.32 -13.68 -5.60
C SER D 20 2.61 -14.47 -5.48
N GLN D 21 2.51 -15.77 -5.39
CA GLN D 21 3.73 -16.57 -5.44
C GLN D 21 3.77 -17.34 -6.73
N ASN D 22 4.93 -17.59 -7.29
CA ASN D 22 4.89 -18.43 -8.46
C ASN D 22 5.93 -19.54 -8.38
N ASN D 23 5.46 -20.76 -8.44
CA ASN D 23 6.23 -21.91 -8.04
C ASN D 23 6.50 -22.78 -9.25
N ALA D 24 7.76 -23.12 -9.48
CA ALA D 24 8.01 -24.10 -10.52
C ALA D 24 9.28 -24.86 -10.30
N PHE D 25 9.44 -25.96 -11.02
CA PHE D 25 10.71 -26.65 -11.04
C PHE D 25 11.68 -25.89 -11.91
N ALA D 26 11.20 -25.37 -13.03
CA ALA D 26 12.01 -24.63 -13.99
C ALA D 26 11.26 -23.36 -14.40
N GLN D 27 11.51 -22.25 -13.70
CA GLN D 27 10.98 -20.98 -14.15
C GLN D 27 11.94 -20.26 -15.08
N ASN D 28 11.35 -19.63 -16.10
CA ASN D 28 11.99 -18.64 -16.95
C ASN D 28 11.23 -17.34 -16.77
N LYS D 29 11.94 -16.31 -16.36
CA LYS D 29 11.39 -14.96 -16.18
C LYS D 29 10.09 -14.86 -15.39
N PRO D 30 10.00 -15.37 -14.17
CA PRO D 30 8.82 -15.09 -13.36
C PRO D 30 8.79 -13.65 -12.95
N THR D 31 7.61 -13.19 -12.57
CA THR D 31 7.46 -11.78 -12.35
C THR D 31 6.55 -11.55 -11.17
N GLY D 32 6.75 -10.41 -10.55
CA GLY D 32 5.88 -9.81 -9.58
C GLY D 32 5.19 -8.72 -10.36
N PHE D 33 4.28 -8.03 -9.74
CA PHE D 33 2.98 -7.61 -10.29
C PHE D 33 2.97 -7.00 -11.68
N GLY D 34 3.59 -5.85 -11.92
CA GLY D 34 3.38 -5.17 -13.18
C GLY D 34 2.04 -4.45 -13.24
N ASN D 35 2.10 -3.17 -13.62
CA ASN D 35 0.93 -2.35 -14.05
C ASN D 35 -0.25 -2.32 -13.07
N PHE D 36 -0.16 -1.47 -12.04
CA PHE D 36 -1.29 -1.03 -11.23
C PHE D 36 -1.42 0.48 -11.28
N GLY D 37 -2.63 0.99 -11.25
CA GLY D 37 -2.84 2.41 -11.44
C GLY D 37 -3.21 2.72 -12.87
N THR D 38 -2.76 3.86 -13.35
CA THR D 38 -2.86 4.09 -14.78
C THR D 38 -1.51 4.04 -15.47
N THR E 6 -17.96 30.25 1.97
CA THR E 6 -18.00 29.67 3.31
C THR E 6 -18.07 28.15 3.27
N LEU E 7 -17.08 27.54 2.62
CA LEU E 7 -17.18 26.15 2.16
C LEU E 7 -15.79 25.53 2.06
N PHE E 8 -15.72 24.21 1.83
CA PHE E 8 -14.41 23.62 1.59
C PHE E 8 -13.94 23.91 0.19
N GLY E 9 -14.68 23.45 -0.78
CA GLY E 9 -14.21 23.34 -2.12
C GLY E 9 -14.14 21.89 -2.56
N THR E 10 -13.53 21.72 -3.70
CA THR E 10 -13.54 20.46 -4.40
C THR E 10 -12.18 19.78 -4.29
N ALA E 11 -12.11 18.69 -3.54
CA ALA E 11 -10.88 17.98 -3.34
C ALA E 11 -10.98 16.59 -3.96
N SER E 12 -10.08 16.32 -4.90
CA SER E 12 -10.13 15.13 -5.71
C SER E 12 -8.87 14.31 -5.50
N THR E 13 -8.91 13.05 -5.89
CA THR E 13 -7.71 12.24 -6.03
C THR E 13 -7.77 11.51 -7.36
N GLY E 14 -6.61 11.06 -7.80
CA GLY E 14 -6.53 10.26 -9.00
C GLY E 14 -5.60 9.08 -8.81
N THR E 15 -5.85 8.03 -9.63
CA THR E 15 -5.05 6.80 -9.85
C THR E 15 -4.23 6.35 -8.66
N SER E 16 -4.92 6.11 -7.58
CA SER E 16 -4.29 5.83 -6.32
C SER E 16 -4.70 4.46 -5.81
N LEU E 17 -3.73 3.56 -5.63
CA LEU E 17 -4.02 2.23 -5.13
C LEU E 17 -4.26 2.33 -3.64
N PHE E 18 -5.31 1.66 -3.17
CA PHE E 18 -5.55 1.37 -1.73
C PHE E 18 -5.73 2.63 -0.91
N SER E 19 -6.72 3.43 -1.26
CA SER E 19 -6.76 4.83 -0.92
C SER E 19 -8.03 5.22 -0.21
N SER E 20 -7.92 5.95 0.89
CA SER E 20 -9.11 6.36 1.60
C SER E 20 -9.11 7.85 1.85
N GLN E 21 -10.12 8.55 1.37
CA GLN E 21 -10.24 9.95 1.74
C GLN E 21 -11.42 10.13 2.66
N ASN E 22 -11.37 11.06 3.57
CA ASN E 22 -12.58 11.25 4.34
C ASN E 22 -12.96 12.72 4.43
N ASN E 23 -14.13 13.04 3.94
CA ASN E 23 -14.50 14.39 3.63
C ASN E 23 -15.62 14.83 4.55
N ALA E 24 -15.45 15.97 5.21
CA ALA E 24 -16.58 16.49 5.96
C ALA E 24 -16.53 17.98 6.11
N PHE E 25 -17.64 18.57 6.50
CA PHE E 25 -17.64 19.96 6.89
C PHE E 25 -17.04 20.10 8.28
N ALA E 26 -17.37 19.17 9.16
CA ALA E 26 -16.89 19.17 10.54
C ALA E 26 -16.41 17.76 10.92
N GLN E 27 -15.13 17.47 10.71
CA GLN E 27 -14.58 16.23 11.21
C GLN E 27 -14.04 16.35 12.62
N ASN E 28 -14.29 15.31 13.41
CA ASN E 28 -13.64 15.05 14.68
C ASN E 28 -12.88 13.75 14.55
N LYS E 29 -11.58 13.80 14.79
CA LYS E 29 -10.70 12.65 14.75
C LYS E 29 -10.81 11.74 13.53
N PRO E 30 -10.68 12.24 12.30
CA PRO E 30 -10.58 11.33 11.17
C PRO E 30 -9.29 10.56 11.18
N THR E 31 -9.27 9.46 10.47
CA THR E 31 -8.14 8.58 10.60
C THR E 31 -7.81 8.00 9.25
N GLY E 32 -6.55 7.65 9.11
CA GLY E 32 -6.00 6.83 8.06
C GLY E 32 -5.83 5.50 8.72
N PHE E 33 -5.39 4.51 7.97
CA PHE E 33 -5.89 3.14 7.98
C PHE E 33 -6.07 2.46 9.34
N GLY E 34 -5.02 2.24 10.12
CA GLY E 34 -5.17 1.39 11.29
C GLY E 34 -5.22 -0.09 10.94
N ASN E 35 -4.37 -0.87 11.64
CA ASN E 35 -4.44 -2.35 11.71
C ASN E 35 -4.48 -3.08 10.35
N PHE E 36 -3.30 -3.26 9.75
CA PHE E 36 -3.07 -4.22 8.67
C PHE E 36 -1.97 -5.19 9.07
N GLY E 37 -2.10 -6.44 8.65
CA GLY E 37 -1.18 -7.46 9.10
C GLY E 37 -1.76 -8.25 10.25
N THR E 38 -0.90 -8.66 11.16
CA THR E 38 -1.43 -9.19 12.39
C THR E 38 -1.21 -8.25 13.56
N THR F 6 20.11 -32.30 -1.54
CA THR F 6 20.27 -31.71 -2.86
C THR F 6 19.04 -30.89 -3.27
N LEU F 7 18.69 -29.91 -2.44
CA LEU F 7 17.36 -29.30 -2.47
C LEU F 7 17.43 -27.87 -1.94
N PHE F 8 16.33 -27.12 -2.07
CA PHE F 8 16.33 -25.80 -1.45
C PHE F 8 16.11 -25.91 0.05
N GLY F 9 14.98 -26.46 0.42
CA GLY F 9 14.47 -26.31 1.74
C GLY F 9 13.19 -25.53 1.76
N THR F 10 12.78 -25.21 2.96
CA THR F 10 11.47 -24.64 3.22
C THR F 10 11.58 -23.16 3.55
N ALA F 11 11.11 -22.32 2.64
CA ALA F 11 11.19 -20.89 2.82
C ALA F 11 9.80 -20.32 2.93
N SER F 12 9.53 -19.67 4.05
CA SER F 12 8.21 -19.20 4.40
C SER F 12 8.21 -17.69 4.56
N THR F 13 7.04 -17.09 4.54
CA THR F 13 6.86 -15.71 4.97
C THR F 13 5.66 -15.64 5.88
N GLY F 14 5.59 -14.56 6.65
CA GLY F 14 4.45 -14.31 7.50
C GLY F 14 4.03 -12.85 7.43
N THR F 15 2.73 -12.65 7.73
CA THR F 15 2.02 -11.36 7.95
C THR F 15 2.58 -10.19 7.17
N SER F 16 2.60 -10.35 5.87
CA SER F 16 3.23 -9.40 4.99
C SER F 16 2.24 -8.83 4.01
N LEU F 17 2.05 -7.52 4.04
CA LEU F 17 1.12 -6.86 3.13
C LEU F 17 1.79 -6.78 1.77
N PHE F 18 1.04 -7.11 0.72
CA PHE F 18 1.38 -6.81 -0.68
C PHE F 18 2.66 -7.49 -1.12
N SER F 19 2.68 -8.80 -1.05
CA SER F 19 3.91 -9.56 -0.98
C SER F 19 4.01 -10.63 -2.05
N SER F 20 5.12 -10.71 -2.74
CA SER F 20 5.26 -11.73 -3.77
C SER F 20 6.53 -12.52 -3.57
N GLN F 21 6.41 -13.83 -3.42
CA GLN F 21 7.62 -14.64 -3.41
C GLN F 21 7.68 -15.47 -4.67
N ASN F 22 8.84 -15.76 -5.18
CA ASN F 22 8.82 -16.65 -6.32
C ASN F 22 9.85 -17.77 -6.17
N ASN F 23 9.35 -18.98 -6.18
CA ASN F 23 10.10 -20.12 -5.71
C ASN F 23 10.38 -21.05 -6.88
N ALA F 24 11.65 -21.41 -7.06
CA ALA F 24 11.91 -22.44 -8.06
C ALA F 24 13.16 -23.22 -7.76
N PHE F 25 13.32 -24.35 -8.43
CA PHE F 25 14.57 -25.05 -8.39
C PHE F 25 15.59 -24.35 -9.28
N ALA F 26 15.14 -23.87 -10.43
CA ALA F 26 15.98 -23.19 -11.40
C ALA F 26 15.27 -21.92 -11.89
N GLN F 27 15.51 -20.79 -11.21
CA GLN F 27 15.01 -19.52 -11.75
C GLN F 27 16.00 -18.86 -12.68
N ASN F 28 15.45 -18.27 -13.75
CA ASN F 28 16.12 -17.33 -14.62
C ASN F 28 15.38 -16.01 -14.52
N LYS F 29 16.08 -14.97 -14.14
CA LYS F 29 15.56 -13.62 -14.02
C LYS F 29 14.24 -13.46 -13.28
N PRO F 30 14.11 -13.92 -12.03
CA PRO F 30 12.91 -13.58 -11.27
C PRO F 30 12.89 -12.12 -10.91
N THR F 31 11.72 -11.63 -10.59
CA THR F 31 11.58 -10.21 -10.45
C THR F 31 10.65 -9.92 -9.30
N GLY F 32 10.85 -8.76 -8.72
CA GLY F 32 9.96 -8.09 -7.80
C GLY F 32 9.31 -7.03 -8.65
N PHE F 33 8.39 -6.30 -8.07
CA PHE F 33 7.11 -5.90 -8.67
C PHE F 33 7.15 -5.35 -10.10
N GLY F 34 7.79 -4.23 -10.37
CA GLY F 34 7.61 -3.59 -11.65
C GLY F 34 6.29 -2.86 -11.78
N ASN F 35 6.37 -1.59 -12.22
CA ASN F 35 5.23 -0.78 -12.71
C ASN F 35 4.03 -0.68 -11.76
N PHE F 36 4.10 0.21 -10.77
CA PHE F 36 2.96 0.69 -10.01
C PHE F 36 2.86 2.20 -10.13
N GLY F 37 1.66 2.72 -10.15
CA GLY F 37 1.48 4.14 -10.42
C GLY F 37 1.14 4.39 -11.86
N THR F 38 1.61 5.51 -12.38
CA THR F 38 1.55 5.67 -13.81
C THR F 38 2.91 5.57 -14.47
N THR G 6 -13.56 32.75 1.39
CA THR G 6 -13.64 32.24 2.75
C THR G 6 -13.73 30.71 2.78
N LEU G 7 -12.73 30.06 2.17
CA LEU G 7 -12.84 28.66 1.78
C LEU G 7 -11.46 28.01 1.74
N PHE G 8 -11.40 26.68 1.57
CA PHE G 8 -10.10 26.06 1.39
C PHE G 8 -9.59 26.29 -0.01
N GLY G 9 -10.31 25.80 -0.98
CA GLY G 9 -9.81 25.61 -2.29
C GLY G 9 -9.76 24.15 -2.66
N THR G 10 -9.12 23.92 -3.80
CA THR G 10 -9.13 22.62 -4.44
C THR G 10 -7.78 21.94 -4.26
N ALA G 11 -7.75 20.88 -3.47
CA ALA G 11 -6.53 20.16 -3.20
C ALA G 11 -6.64 18.76 -3.77
N SER G 12 -5.72 18.42 -4.66
CA SER G 12 -5.77 17.19 -5.41
C SER G 12 -4.53 16.38 -5.14
N THR G 13 -4.57 15.10 -5.49
CA THR G 13 -3.39 14.27 -5.56
C THR G 13 -3.42 13.49 -6.85
N GLY G 14 -2.26 12.99 -7.25
CA GLY G 14 -2.16 12.13 -8.40
C GLY G 14 -1.25 10.95 -8.14
N THR G 15 -1.50 9.87 -8.91
CA THR G 15 -0.72 8.63 -9.06
C THR G 15 0.07 8.23 -7.84
N SER G 16 -0.65 8.04 -6.77
CA SER G 16 -0.06 7.80 -5.47
C SER G 16 -0.49 6.46 -4.92
N LEU G 17 0.45 5.57 -4.68
CA LEU G 17 0.14 4.26 -4.12
C LEU G 17 -0.14 4.43 -2.64
N PHE G 18 -1.21 3.79 -2.17
CA PHE G 18 -1.48 3.57 -0.73
C PHE G 18 -1.67 4.87 0.03
N SER G 19 -2.64 5.66 -0.38
CA SER G 19 -2.67 7.08 -0.10
C SER G 19 -3.94 7.52 0.56
N SER G 20 -3.85 8.30 1.62
CA SER G 20 -5.06 8.76 2.29
C SER G 20 -5.03 10.25 2.48
N GLN G 21 -6.03 10.95 1.94
CA GLN G 21 -6.13 12.36 2.24
C GLN G 21 -7.32 12.60 3.12
N ASN G 22 -7.30 13.57 4.00
CA ASN G 22 -8.52 13.81 4.72
C ASN G 22 -8.87 15.29 4.74
N ASN G 23 -10.03 15.60 4.21
CA ASN G 23 -10.37 16.94 3.83
C ASN G 23 -11.51 17.43 4.71
N ALA G 24 -11.33 18.60 5.32
CA ALA G 24 -12.48 19.17 6.01
C ALA G 24 -12.41 20.67 6.10
N PHE G 25 -13.52 21.28 6.44
CA PHE G 25 -13.51 22.69 6.77
C PHE G 25 -12.94 22.88 8.16
N ALA G 26 -13.31 22.00 9.08
CA ALA G 26 -12.86 22.05 10.46
C ALA G 26 -12.41 20.65 10.91
N GLN G 27 -11.12 20.34 10.75
CA GLN G 27 -10.61 19.11 11.32
C GLN G 27 -10.11 19.30 12.74
N ASN G 28 -10.38 18.29 13.56
CA ASN G 28 -9.77 18.07 14.86
C ASN G 28 -9.02 16.76 14.80
N LYS G 29 -7.73 16.80 15.07
CA LYS G 29 -6.86 15.64 15.11
C LYS G 29 -6.95 14.68 13.92
N PRO G 30 -6.79 15.11 12.68
CA PRO G 30 -6.67 14.16 11.58
C PRO G 30 -5.40 13.38 11.67
N THR G 31 -5.38 12.25 11.01
CA THR G 31 -4.27 11.36 11.21
C THR G 31 -3.91 10.72 9.89
N GLY G 32 -2.66 10.34 9.79
CA GLY G 32 -2.09 9.47 8.80
C GLY G 32 -1.95 8.16 9.52
N PHE G 33 -1.52 7.15 8.82
CA PHE G 33 -2.03 5.77 8.88
C PHE G 33 -2.25 5.16 10.26
N GLY G 34 -1.23 4.96 11.08
CA GLY G 34 -1.41 4.17 12.28
C GLY G 34 -1.48 2.67 12.00
N ASN G 35 -0.66 1.91 12.75
CA ASN G 35 -0.75 0.44 12.88
C ASN G 35 -0.76 -0.35 11.56
N PHE G 36 0.43 -0.58 11.00
CA PHE G 36 0.67 -1.59 9.96
C PHE G 36 1.74 -2.55 10.44
N GLY G 37 1.60 -3.82 10.06
CA GLY G 37 2.49 -4.82 10.58
C GLY G 37 1.88 -5.56 11.74
N THR G 38 2.71 -5.94 12.70
CA THR G 38 2.14 -6.41 13.94
C THR G 38 2.34 -5.42 15.08
N THR H 6 23.67 -30.40 1.57
CA THR H 6 23.87 -29.87 0.22
C THR H 6 22.66 -29.06 -0.24
N LEU H 7 22.30 -28.03 0.54
CA LEU H 7 20.99 -27.41 0.45
C LEU H 7 21.06 -25.96 0.91
N PHE H 8 19.98 -25.19 0.73
CA PHE H 8 19.98 -23.84 1.29
C PHE H 8 19.72 -23.89 2.78
N GLY H 9 18.57 -24.40 3.14
CA GLY H 9 18.05 -24.19 4.45
C GLY H 9 16.76 -23.40 4.40
N THR H 10 16.34 -23.02 5.58
CA THR H 10 15.03 -22.43 5.78
C THR H 10 15.16 -20.93 6.04
N ALA H 11 14.71 -20.13 5.08
CA ALA H 11 14.81 -18.69 5.20
C ALA H 11 13.43 -18.09 5.26
N SER H 12 13.14 -17.38 6.34
CA SER H 12 11.82 -16.89 6.64
C SER H 12 11.85 -15.38 6.73
N THR H 13 10.68 -14.76 6.66
CA THR H 13 10.51 -13.36 7.02
C THR H 13 9.29 -13.23 7.89
N GLY H 14 9.22 -12.12 8.62
CA GLY H 14 8.07 -11.82 9.42
C GLY H 14 7.67 -10.36 9.28
N THR H 15 6.36 -10.12 9.53
CA THR H 15 5.66 -8.82 9.68
C THR H 15 6.26 -7.69 8.87
N SER H 16 6.30 -7.91 7.58
CA SER H 16 6.98 -7.01 6.67
C SER H 16 6.01 -6.47 5.64
N LEU H 17 5.84 -5.15 5.61
CA LEU H 17 4.95 -4.53 4.65
C LEU H 17 5.65 -4.51 3.31
N PHE H 18 4.92 -4.88 2.25
CA PHE H 18 5.29 -4.64 0.84
C PHE H 18 6.57 -5.35 0.46
N SER H 19 6.58 -6.67 0.59
CA SER H 19 7.80 -7.45 0.73
C SER H 19 7.90 -8.56 -0.28
N SER H 20 9.02 -8.68 -0.94
CA SER H 20 9.17 -9.75 -1.92
C SER H 20 10.43 -10.55 -1.67
N GLN H 21 10.29 -11.85 -1.46
CA GLN H 21 11.48 -12.67 -1.38
C GLN H 21 11.55 -13.56 -2.60
N ASN H 22 12.73 -13.88 -3.07
CA ASN H 22 12.73 -14.83 -4.17
C ASN H 22 13.73 -15.95 -3.94
N ASN H 23 13.22 -17.16 -3.92
CA ASN H 23 13.94 -18.29 -3.38
C ASN H 23 14.24 -19.26 -4.50
N ALA H 24 15.50 -19.65 -4.63
CA ALA H 24 15.77 -20.73 -5.57
C ALA H 24 17.00 -21.51 -5.21
N PHE H 25 17.16 -22.67 -5.83
CA PHE H 25 18.41 -23.39 -5.73
C PHE H 25 19.44 -22.74 -6.62
N ALA H 26 19.03 -22.31 -7.80
CA ALA H 26 19.90 -21.68 -8.78
C ALA H 26 19.22 -20.43 -9.34
N GLN H 27 19.47 -19.27 -8.72
CA GLN H 27 19.00 -18.02 -9.31
C GLN H 27 20.02 -17.41 -10.25
N ASN H 28 19.50 -16.87 -11.35
CA ASN H 28 20.21 -15.97 -12.25
C ASN H 28 19.48 -14.64 -12.22
N LYS H 29 20.19 -13.59 -11.87
CA LYS H 29 19.69 -12.23 -11.83
C LYS H 29 18.36 -12.02 -11.13
N PRO H 30 18.19 -12.43 -9.87
CA PRO H 30 16.98 -12.03 -9.14
C PRO H 30 16.97 -10.56 -8.85
N THR H 31 15.79 -10.04 -8.58
CA THR H 31 15.67 -8.61 -8.50
C THR H 31 14.71 -8.26 -7.39
N GLY H 32 14.92 -7.08 -6.87
CA GLY H 32 14.03 -6.35 -5.99
C GLY H 32 13.41 -5.34 -6.90
N PHE H 33 12.49 -4.56 -6.39
CA PHE H 33 11.24 -4.17 -7.04
C PHE H 33 11.31 -3.68 -8.48
N GLY H 34 11.97 -2.58 -8.78
CA GLY H 34 11.84 -2.00 -10.11
C GLY H 34 10.53 -1.26 -10.30
N ASN H 35 10.64 -0.01 -10.78
CA ASN H 35 9.52 0.80 -11.34
C ASN H 35 8.29 0.95 -10.42
N PHE H 36 8.36 1.88 -9.48
CA PHE H 36 7.20 2.41 -8.75
C PHE H 36 7.13 3.91 -8.95
N GLY H 37 5.93 4.46 -9.02
CA GLY H 37 5.78 5.86 -9.35
C GLY H 37 5.48 6.04 -10.82
N THR H 38 5.99 7.13 -11.37
CA THR H 38 5.96 7.23 -12.81
C THR H 38 7.34 7.09 -13.43
N THR I 6 -9.11 35.17 0.80
CA THR I 6 -9.24 34.72 2.19
C THR I 6 -9.34 33.19 2.27
N LEU I 7 -8.34 32.50 1.73
CA LEU I 7 -8.47 31.09 1.39
C LEU I 7 -7.09 30.42 1.42
N PHE I 8 -7.06 29.08 1.31
CA PHE I 8 -5.75 28.43 1.18
C PHE I 8 -5.20 28.59 -0.21
N GLY I 9 -5.91 28.07 -1.17
CA GLY I 9 -5.38 27.82 -2.47
C GLY I 9 -5.34 26.35 -2.78
N THR I 10 -4.68 26.05 -3.88
CA THR I 10 -4.69 24.74 -4.46
C THR I 10 -3.36 24.04 -4.22
N ALA I 11 -3.37 23.02 -3.38
CA ALA I 11 -2.16 22.29 -3.05
C ALA I 11 -2.27 20.87 -3.56
N SER I 12 -1.35 20.48 -4.41
CA SER I 12 -1.39 19.22 -5.11
C SER I 12 -0.16 18.40 -4.77
N THR I 13 -0.22 17.11 -5.06
CA THR I 13 0.96 16.26 -5.07
C THR I 13 0.94 15.42 -6.32
N GLY I 14 2.10 14.90 -6.68
CA GLY I 14 2.22 13.99 -7.78
C GLY I 14 3.10 12.81 -7.45
N THR I 15 2.85 11.70 -8.18
CA THR I 15 3.62 10.43 -8.25
C THR I 15 4.38 10.07 -7.00
N SER I 16 3.63 9.94 -5.93
CA SER I 16 4.19 9.75 -4.62
C SER I 16 3.72 8.44 -4.02
N LEU I 17 4.64 7.56 -3.71
CA LEU I 17 4.29 6.28 -3.11
C LEU I 17 3.99 6.52 -1.64
N PHE I 18 2.90 5.92 -1.16
CA PHE I 18 2.59 5.76 0.27
C PHE I 18 2.41 7.09 0.97
N SER I 19 1.45 7.88 0.50
CA SER I 19 1.44 9.31 0.72
C SER I 19 0.16 9.79 1.33
N SER I 20 0.23 10.61 2.35
CA SER I 20 -0.98 11.12 2.97
C SER I 20 -0.94 12.62 3.09
N GLN I 21 -1.91 13.30 2.50
CA GLN I 21 -2.00 14.74 2.75
C GLN I 21 -3.21 15.03 3.57
N ASN I 22 -3.19 16.03 4.41
CA ASN I 22 -4.43 16.32 5.09
C ASN I 22 -4.76 17.81 5.04
N ASN I 23 -5.90 18.11 4.47
CA ASN I 23 -6.22 19.44 4.03
C ASN I 23 -7.36 19.98 4.84
N ALA I 24 -7.19 21.17 5.41
CA ALA I 24 -8.34 21.78 6.04
C ALA I 24 -8.25 23.29 6.07
N PHE I 25 -9.36 23.93 6.35
CA PHE I 25 -9.33 25.35 6.62
C PHE I 25 -8.80 25.60 8.02
N ALA I 26 -9.20 24.76 8.96
CA ALA I 26 -8.79 24.87 10.35
C ALA I 26 -8.37 23.49 10.88
N GLN I 27 -7.08 23.15 10.76
CA GLN I 27 -6.59 21.94 11.40
C GLN I 27 -6.13 22.18 12.82
N ASN I 28 -6.44 21.22 13.67
CA ASN I 28 -5.85 21.05 15.00
C ASN I 28 -5.13 19.73 15.01
N LYS I 29 -3.84 19.76 15.32
CA LYS I 29 -2.99 18.59 15.43
C LYS I 29 -3.07 17.58 14.28
N PRO I 30 -2.87 17.96 13.03
CA PRO I 30 -2.74 16.95 11.98
C PRO I 30 -1.48 16.16 12.12
N THR I 31 -1.46 15.00 11.52
CA THR I 31 -0.37 14.10 11.78
C THR I 31 0.01 13.40 10.50
N GLY I 32 1.26 13.00 10.46
CA GLY I 32 1.84 12.08 9.51
C GLY I 32 1.94 10.81 10.30
N PHE I 33 2.37 9.75 9.66
CA PHE I 33 1.85 8.39 9.76
C PHE I 33 1.58 7.85 11.16
N GLY I 34 2.58 7.67 12.00
CA GLY I 34 2.35 6.94 13.24
C GLY I 34 2.27 5.43 13.02
N ASN I 35 3.06 4.69 13.82
CA ASN I 35 2.95 3.23 14.03
C ASN I 35 2.95 2.38 12.74
N PHE I 36 4.15 2.11 12.21
CA PHE I 36 4.40 1.05 11.23
C PHE I 36 5.45 0.10 11.78
N GLY I 37 5.30 -1.18 11.46
CA GLY I 37 6.17 -2.18 12.04
C GLY I 37 5.52 -2.85 13.21
N THR I 38 6.32 -3.20 14.20
CA THR I 38 5.71 -3.60 15.45
C THR I 38 5.90 -2.57 16.55
N THR J 6 27.18 -28.41 4.69
CA THR J 6 27.42 -27.95 3.33
C THR J 6 26.24 -27.14 2.79
N LEU J 7 25.88 -26.07 3.51
CA LEU J 7 24.57 -25.45 3.36
C LEU J 7 24.66 -23.97 3.77
N PHE J 8 23.59 -23.20 3.53
CA PHE J 8 23.60 -21.83 4.02
C PHE J 8 23.30 -21.80 5.50
N GLY J 9 22.13 -22.28 5.86
CA GLY J 9 21.58 -22.00 7.15
C GLY J 9 20.31 -21.20 7.03
N THR J 10 19.86 -20.76 8.18
CA THR J 10 18.56 -20.14 8.32
C THR J 10 18.70 -18.64 8.52
N ALA J 11 18.30 -17.88 7.51
CA ALA J 11 18.41 -16.43 7.58
C ALA J 11 17.03 -15.81 7.58
N SER J 12 16.73 -15.06 8.61
CA SER J 12 15.41 -14.53 8.85
C SER J 12 15.46 -13.02 8.88
N THR J 13 14.30 -12.39 8.75
CA THR J 13 14.14 -10.97 9.05
C THR J 13 12.90 -10.79 9.89
N GLY J 14 12.83 -9.64 10.56
CA GLY J 14 11.66 -9.29 11.32
C GLY J 14 11.29 -7.83 11.11
N THR J 15 9.98 -7.57 11.32
CA THR J 15 9.30 -6.25 11.38
C THR J 15 9.93 -5.17 10.54
N SER J 16 10.01 -5.44 9.26
CA SER J 16 10.71 -4.60 8.34
C SER J 16 9.78 -4.08 7.26
N LEU J 17 9.63 -2.77 7.17
CA LEU J 17 8.77 -2.18 6.16
C LEU J 17 9.50 -2.24 4.83
N PHE J 18 8.79 -2.64 3.78
CA PHE J 18 9.20 -2.47 2.37
C PHE J 18 10.48 -3.22 2.05
N SER J 19 10.46 -4.52 2.24
CA SER J 19 11.67 -5.30 2.44
C SER J 19 11.77 -6.46 1.48
N SER J 20 12.92 -6.63 0.85
CA SER J 20 13.07 -7.74 -0.07
C SER J 20 14.31 -8.55 0.24
N GLN J 21 14.15 -9.83 0.52
CA GLN J 21 15.33 -10.67 0.65
C GLN J 21 15.41 -11.61 -0.53
N ASN J 22 16.60 -11.97 -0.96
CA ASN J 22 16.60 -12.96 -2.00
C ASN J 22 17.59 -14.09 -1.70
N ASN J 23 17.06 -15.28 -1.64
CA ASN J 23 17.75 -16.40 -1.04
C ASN J 23 18.06 -17.43 -2.10
N ALA J 24 19.32 -17.85 -2.19
CA ALA J 24 19.59 -18.96 -3.07
C ALA J 24 20.81 -19.74 -2.65
N PHE J 25 20.96 -20.93 -3.21
CA PHE J 25 22.19 -21.66 -3.04
C PHE J 25 23.26 -21.06 -3.93
N ALA J 26 22.88 -20.69 -5.15
CA ALA J 26 23.79 -20.10 -6.13
C ALA J 26 23.14 -18.88 -6.77
N GLN J 27 23.39 -17.69 -6.19
CA GLN J 27 22.95 -16.47 -6.84
C GLN J 27 24.00 -15.91 -7.79
N ASN J 28 23.52 -15.41 -8.92
CA ASN J 28 24.26 -14.56 -9.84
C ASN J 28 23.56 -13.23 -9.89
N LYS J 29 24.27 -12.18 -9.57
CA LYS J 29 23.79 -10.80 -9.61
C LYS J 29 22.44 -10.55 -8.94
N PRO J 30 22.23 -10.89 -7.66
CA PRO J 30 21.01 -10.45 -6.99
C PRO J 30 21.02 -8.96 -6.77
N THR J 31 19.85 -8.42 -6.55
CA THR J 31 19.75 -6.99 -6.54
C THR J 31 18.77 -6.57 -5.47
N GLY J 32 18.98 -5.37 -4.99
CA GLY J 32 18.07 -4.60 -4.17
C GLY J 32 17.49 -3.61 -5.14
N PHE J 33 16.57 -2.81 -4.68
CA PHE J 33 15.34 -2.42 -5.37
C PHE J 33 15.45 -2.00 -6.84
N GLY J 34 16.14 -0.92 -7.17
CA GLY J 34 16.04 -0.40 -8.52
C GLY J 34 14.75 0.35 -8.78
N ASN J 35 14.89 1.57 -9.32
CA ASN J 35 13.80 2.36 -9.92
C ASN J 35 12.55 2.58 -9.05
N PHE J 36 12.61 3.55 -8.14
CA PHE J 36 11.44 4.13 -7.48
C PHE J 36 11.40 5.62 -7.75
N GLY J 37 10.21 6.17 -7.87
CA GLY J 37 10.09 7.56 -8.27
C GLY J 37 9.82 7.69 -9.74
N THR J 38 10.36 8.74 -10.33
CA THR J 38 10.37 8.79 -11.78
C THR J 38 11.76 8.59 -12.35
N THR K 6 -4.61 37.49 0.22
CA THR K 6 -4.78 37.11 1.62
C THR K 6 -4.91 35.59 1.78
N LEU K 7 -3.91 34.86 1.29
CA LEU K 7 -4.04 33.43 1.01
C LEU K 7 -2.68 32.75 1.10
N PHE K 8 -2.66 31.40 1.04
CA PHE K 8 -1.36 30.74 0.99
C PHE K 8 -0.78 30.83 -0.40
N GLY K 9 -1.48 30.28 -1.36
CA GLY K 9 -0.91 29.96 -2.63
C GLY K 9 -0.89 28.48 -2.87
N THR K 10 -0.21 28.13 -3.94
CA THR K 10 -0.22 26.77 -4.46
C THR K 10 1.10 26.07 -4.17
N ALA K 11 1.05 25.09 -3.28
CA ALA K 11 2.24 24.37 -2.89
C ALA K 11 2.11 22.92 -3.33
N SER K 12 3.06 22.49 -4.15
CA SER K 12 3.01 21.20 -4.80
C SER K 12 4.22 20.37 -4.39
N THR K 13 4.15 19.07 -4.62
CA THR K 13 5.31 18.22 -4.56
C THR K 13 5.31 17.32 -5.78
N GLY K 14 6.48 16.76 -6.07
CA GLY K 14 6.61 15.80 -7.15
C GLY K 14 7.47 14.62 -6.74
N THR K 15 7.21 13.48 -7.42
CA THR K 15 7.97 12.21 -7.43
C THR K 15 8.69 11.89 -6.13
N SER K 16 7.91 11.82 -5.08
CA SER K 16 8.44 11.69 -3.75
C SER K 16 7.93 10.42 -3.10
N LEU K 17 8.84 9.52 -2.73
CA LEU K 17 8.46 8.28 -2.09
C LEU K 17 8.12 8.59 -0.64
N PHE K 18 7.01 8.02 -0.17
CA PHE K 18 6.67 7.93 1.27
C PHE K 18 6.49 9.29 1.91
N SER K 19 5.55 10.08 1.38
CA SER K 19 5.56 11.52 1.53
C SER K 19 4.26 12.05 2.09
N SER K 20 4.33 12.91 3.09
CA SER K 20 3.11 13.46 3.64
C SER K 20 3.17 14.96 3.70
N GLN K 21 2.22 15.64 3.06
CA GLN K 21 2.15 17.07 3.23
C GLN K 21 0.92 17.42 4.03
N ASN K 22 0.94 18.46 4.82
CA ASN K 22 -0.31 18.80 5.45
C ASN K 22 -0.62 20.28 5.33
N ASN K 23 -1.74 20.57 4.71
CA ASN K 23 -2.03 21.89 4.20
C ASN K 23 -3.18 22.48 4.97
N ALA K 24 -3.01 23.69 5.48
CA ALA K 24 -4.16 24.35 6.06
C ALA K 24 -4.05 25.85 6.03
N PHE K 25 -5.16 26.52 6.25
CA PHE K 25 -5.12 27.95 6.46
C PHE K 25 -4.61 28.25 7.86
N ALA K 26 -5.05 27.47 8.82
CA ALA K 26 -4.67 27.62 10.22
C ALA K 26 -4.28 26.27 10.82
N GLN K 27 -2.99 25.90 10.75
CA GLN K 27 -2.54 24.71 11.45
C GLN K 27 -2.11 25.02 12.87
N ASN K 28 -2.45 24.09 13.76
CA ASN K 28 -1.91 23.98 15.10
C ASN K 28 -1.20 22.65 15.19
N LYS K 29 0.08 22.69 15.52
CA LYS K 29 0.91 21.50 15.70
C LYS K 29 0.84 20.45 14.61
N PRO K 30 1.08 20.77 13.34
CA PRO K 30 1.22 19.71 12.35
C PRO K 30 2.46 18.91 12.56
N THR K 31 2.48 17.72 11.99
CA THR K 31 3.56 16.82 12.33
C THR K 31 3.96 16.05 11.09
N GLY K 32 5.19 15.64 11.10
CA GLY K 32 5.78 14.67 10.20
C GLY K 32 5.85 13.43 11.04
N PHE K 33 6.29 12.34 10.46
CA PHE K 33 5.73 11.00 10.61
C PHE K 33 5.43 10.52 12.04
N GLY K 34 6.40 10.37 12.91
CA GLY K 34 6.14 9.69 14.17
C GLY K 34 6.04 8.17 14.02
N ASN K 35 6.80 7.46 14.87
CA ASN K 35 6.66 6.01 15.13
C ASN K 35 6.68 5.11 13.88
N PHE K 36 7.89 4.80 13.40
CA PHE K 36 8.15 3.70 12.47
C PHE K 36 9.17 2.76 13.08
N GLY K 37 9.01 1.47 12.81
CA GLY K 37 9.85 0.48 13.47
C GLY K 37 9.16 -0.13 14.65
N THR K 38 9.92 -0.44 15.67
CA THR K 38 9.29 -0.79 16.93
C THR K 38 9.47 0.29 17.98
#